data_6Y3C
#
_entry.id   6Y3C
#
_cell.length_a   182.110
_cell.length_b   182.110
_cell.length_c   103.240
_cell.angle_alpha   90.000
_cell.angle_beta   90.000
_cell.angle_gamma   120.000
#
_symmetry.space_group_name_H-M   'P 65 2 2'
#
loop_
_entity.id
_entity.type
_entity.pdbx_description
1 polymer 'Prostaglandin G/H synthase 1'
2 branched beta-D-mannopyranose-(1-3)-[beta-D-mannopyranose-(1-6)]beta-D-mannopyranose-(1-4)-2-acetamido-2-deoxy-beta-D-glucopyranose-(1-4)-2-acetamido-2-deoxy-beta-D-glucopyranose
3 branched 2-acetamido-2-deoxy-beta-D-glucopyranose-(1-4)-2-acetamido-2-deoxy-beta-D-glucopyranose
4 non-polymer 'CITRATE ANION'
5 water water
#
_entity_poly.entity_id   1
_entity_poly.type   'polypeptide(L)'
_entity_poly.pdbx_seq_one_letter_code
;ADPGAPTPVNPCCYYPCQHQGICVRFGLDRYQCDCTRTGYSGPNCTIPGLWTWLRNSLRPSPSFTHFLLTHGRWFWEFVN
ATFIREMLMRLVLTVRSNLIPSPPTYNSAHDYISWESFSNVSYYTRILPSVPKDCPTPMGTKGKKQLPDAQLLARRFLLR
RKFIPDPQGTNLMFAFFAQHFTHQFFKTSGKMGPGFTKALGHGVDLGHIYGDNLERQYQLRLFKDGKLKYQVLDGEMYPP
SVEEAPVLMHYPRGIPPQSQMAVGQEVFGLLPGLMLYATLWLREHNRVCDLLKAEHPTWGDEQLFQTTRLILIGETIKIV
IEEYVQQLSGYFLQLKFDPELLFGVQFQYRNRIAMEFNHLYHWHPLMPDSFKVGSQEYSYEQFLFNTSMLVDYGVEALVD
AFSRQIAGRIGGGRNMDHHILHVAVDVIRESREMRLQPFNEYRKRFGMKPYTSFQELVGEKEMAAELEELYGDIDALEFY
PGLLLEKCHPNSIFGESMIEIGAPFSLKGLLGNPICSPEYWKPSTFGGEVGFNIVKTATLKKLVCLNTKTCPYVSFRVPD
ASQDDGPAVERPSTEL
;
_entity_poly.pdbx_strand_id   A
#
loop_
_chem_comp.id
_chem_comp.type
_chem_comp.name
_chem_comp.formula
BMA D-saccharide, beta linking beta-D-mannopyranose 'C6 H12 O6'
FLC non-polymer 'CITRATE ANION' 'C6 H5 O7 -3'
NAG D-saccharide, beta linking 2-acetamido-2-deoxy-beta-D-glucopyranose 'C8 H15 N O6'
#
# COMPACT_ATOMS: atom_id res chain seq x y z
N GLY A 4 5.59 -49.85 2.33
CA GLY A 4 5.34 -49.55 0.94
C GLY A 4 3.96 -48.98 0.69
N ALA A 5 3.91 -47.78 0.13
CA ALA A 5 2.66 -47.07 -0.08
C ALA A 5 2.89 -45.99 -1.13
N PRO A 6 1.82 -45.46 -1.73
CA PRO A 6 1.99 -44.40 -2.74
C PRO A 6 2.20 -43.01 -2.14
N THR A 7 2.58 -42.92 -0.86
CA THR A 7 2.89 -41.66 -0.21
C THR A 7 1.68 -40.73 -0.23
N PRO A 8 0.68 -40.98 0.61
CA PRO A 8 -0.60 -40.26 0.50
C PRO A 8 -0.45 -38.74 0.41
N VAL A 9 -1.38 -38.12 -0.31
CA VAL A 9 -1.34 -36.69 -0.55
C VAL A 9 -1.64 -35.94 0.75
N ASN A 10 -0.99 -34.79 0.92
CA ASN A 10 -1.26 -33.92 2.05
C ASN A 10 -2.70 -33.39 1.94
N PRO A 11 -3.57 -33.70 2.90
CA PRO A 11 -4.98 -33.31 2.76
C PRO A 11 -5.21 -31.79 2.76
N CYS A 12 -4.26 -31.00 3.26
CA CYS A 12 -4.41 -29.55 3.23
C CYS A 12 -4.12 -28.96 1.86
N CYS A 13 -3.64 -29.76 0.90
CA CYS A 13 -3.49 -29.27 -0.46
C CYS A 13 -4.83 -28.99 -1.13
N TYR A 14 -5.90 -29.62 -0.65
CA TYR A 14 -7.24 -29.39 -1.17
C TYR A 14 -7.91 -28.17 -0.57
N TYR A 15 -7.23 -27.47 0.35
CA TYR A 15 -7.78 -26.36 1.11
C TYR A 15 -9.18 -26.70 1.65
N PRO A 16 -9.30 -27.74 2.47
CA PRO A 16 -10.65 -28.21 2.84
C PRO A 16 -11.41 -27.24 3.71
N CYS A 17 -10.72 -26.49 4.58
CA CYS A 17 -11.41 -25.60 5.49
C CYS A 17 -11.94 -24.37 4.76
N GLN A 18 -13.11 -23.90 5.21
CA GLN A 18 -13.73 -22.69 4.69
C GLN A 18 -13.87 -21.67 5.82
N HIS A 19 -13.99 -20.40 5.42
CA HIS A 19 -14.26 -19.30 6.34
C HIS A 19 -13.17 -19.19 7.41
N GLN A 20 -11.93 -19.03 6.94
CA GLN A 20 -10.77 -18.81 7.80
C GLN A 20 -10.54 -19.97 8.76
N GLY A 21 -10.94 -21.18 8.36
CA GLY A 21 -10.64 -22.36 9.16
C GLY A 21 -9.20 -22.81 8.95
N ILE A 22 -8.58 -23.26 10.04
CA ILE A 22 -7.17 -23.61 10.03
C ILE A 22 -7.03 -25.10 9.78
N CYS A 23 -6.35 -25.46 8.69
CA CYS A 23 -6.09 -26.87 8.37
C CYS A 23 -4.93 -27.36 9.22
N VAL A 24 -5.18 -28.38 10.02
CA VAL A 24 -4.17 -29.00 10.86
C VAL A 24 -4.06 -30.47 10.47
N ARG A 25 -2.84 -30.93 10.20
CA ARG A 25 -2.62 -32.30 9.80
C ARG A 25 -2.48 -33.18 11.03
N PHE A 26 -3.22 -34.30 11.03
CA PHE A 26 -3.20 -35.27 12.11
C PHE A 26 -2.85 -36.64 11.55
N GLY A 27 -2.04 -37.38 12.30
CA GLY A 27 -1.63 -38.69 11.82
C GLY A 27 -0.79 -38.56 10.56
N LEU A 28 -1.11 -39.37 9.57
CA LEU A 28 -0.38 -39.39 8.30
C LEU A 28 -1.17 -38.81 7.13
N ASP A 29 -2.49 -38.99 7.11
CA ASP A 29 -3.28 -38.56 5.96
C ASP A 29 -4.57 -37.84 6.30
N ARG A 30 -4.91 -37.69 7.58
CA ARG A 30 -6.12 -36.97 7.95
C ARG A 30 -5.82 -35.51 8.20
N TYR A 31 -6.88 -34.70 8.19
CA TYR A 31 -6.79 -33.29 8.54
C TYR A 31 -7.86 -32.98 9.58
N GLN A 32 -7.82 -31.76 10.10
CA GLN A 32 -8.74 -31.35 11.16
C GLN A 32 -8.86 -29.83 11.12
N CYS A 33 -10.00 -29.34 10.64
CA CYS A 33 -10.22 -27.90 10.53
C CYS A 33 -10.63 -27.32 11.88
N ASP A 34 -9.89 -26.32 12.34
CA ASP A 34 -10.19 -25.63 13.60
C ASP A 34 -11.09 -24.45 13.26
N CYS A 35 -12.39 -24.60 13.52
CA CYS A 35 -13.38 -23.56 13.25
C CYS A 35 -13.60 -22.64 14.45
N THR A 36 -12.59 -22.48 15.30
CA THR A 36 -12.73 -21.66 16.49
C THR A 36 -13.00 -20.21 16.12
N ARG A 37 -14.16 -19.71 16.55
CA ARG A 37 -14.59 -18.32 16.32
C ARG A 37 -14.58 -17.95 14.84
N THR A 38 -14.66 -18.92 13.94
CA THR A 38 -14.83 -18.67 12.52
C THR A 38 -16.28 -18.46 12.14
N GLY A 39 -17.20 -18.57 13.10
CA GLY A 39 -18.61 -18.44 12.86
C GLY A 39 -19.28 -19.72 12.42
N TYR A 40 -18.57 -20.60 11.73
CA TYR A 40 -19.11 -21.83 11.18
C TYR A 40 -18.60 -23.02 11.98
N SER A 41 -19.25 -24.17 11.77
CA SER A 41 -18.87 -25.41 12.42
C SER A 41 -18.91 -26.53 11.39
N GLY A 42 -18.64 -27.75 11.84
CA GLY A 42 -18.62 -28.91 10.98
C GLY A 42 -17.21 -29.36 10.67
N PRO A 43 -17.08 -30.43 9.89
CA PRO A 43 -15.74 -30.94 9.54
C PRO A 43 -14.95 -29.99 8.65
N ASN A 44 -15.61 -29.09 7.92
CA ASN A 44 -14.95 -28.17 7.02
C ASN A 44 -15.24 -26.70 7.33
N CYS A 45 -15.85 -26.41 8.48
CA CYS A 45 -16.34 -25.07 8.81
C CYS A 45 -17.28 -24.56 7.71
N THR A 46 -18.17 -25.45 7.25
CA THR A 46 -19.17 -25.08 6.25
C THR A 46 -20.58 -24.96 6.81
N ILE A 47 -20.86 -25.59 7.96
CA ILE A 47 -22.17 -25.49 8.60
C ILE A 47 -22.25 -24.16 9.33
N PRO A 48 -23.18 -23.29 8.96
CA PRO A 48 -23.23 -21.96 9.58
C PRO A 48 -23.91 -21.98 10.94
N GLY A 49 -23.37 -21.19 11.86
CA GLY A 49 -24.01 -20.96 13.13
C GLY A 49 -25.25 -20.11 12.98
N LEU A 50 -25.88 -19.84 14.14
CA LEU A 50 -27.12 -19.06 14.12
C LEU A 50 -26.87 -17.62 13.68
N TRP A 51 -25.96 -16.92 14.36
CA TRP A 51 -25.70 -15.52 14.05
C TRP A 51 -25.14 -15.35 12.64
N THR A 52 -24.29 -16.29 12.22
CA THR A 52 -23.64 -16.15 10.91
C THR A 52 -24.57 -16.51 9.76
N TRP A 53 -25.52 -17.42 9.97
CA TRP A 53 -26.49 -17.72 8.92
C TRP A 53 -27.41 -16.53 8.67
N LEU A 54 -27.65 -15.71 9.68
CA LEU A 54 -28.43 -14.48 9.47
C LEU A 54 -27.64 -13.48 8.64
N ARG A 55 -26.38 -13.23 9.02
CA ARG A 55 -25.56 -12.25 8.31
C ARG A 55 -25.18 -12.74 6.92
N ASN A 56 -25.05 -14.06 6.73
CA ASN A 56 -24.64 -14.59 5.44
C ASN A 56 -25.75 -14.48 4.40
N SER A 57 -27.00 -14.62 4.82
CA SER A 57 -28.14 -14.46 3.93
C SER A 57 -28.63 -13.02 3.87
N LEU A 58 -27.93 -12.09 4.51
CA LEU A 58 -28.26 -10.67 4.46
C LEU A 58 -27.10 -9.80 4.03
N ARG A 59 -25.95 -10.37 3.70
CA ARG A 59 -24.82 -9.57 3.24
C ARG A 59 -24.97 -9.26 1.76
N PRO A 60 -24.95 -7.98 1.37
CA PRO A 60 -25.07 -7.65 -0.06
C PRO A 60 -23.81 -8.04 -0.82
N SER A 61 -23.96 -8.09 -2.14
CA SER A 61 -22.84 -8.44 -3.00
C SER A 61 -21.75 -7.38 -2.89
N PRO A 62 -20.47 -7.77 -2.88
CA PRO A 62 -19.39 -6.76 -2.87
C PRO A 62 -19.43 -5.85 -4.09
N SER A 63 -19.88 -6.35 -5.23
CA SER A 63 -20.09 -5.51 -6.40
C SER A 63 -21.36 -4.67 -6.30
N PHE A 64 -22.24 -4.98 -5.35
CA PHE A 64 -23.43 -4.18 -5.10
C PHE A 64 -23.16 -3.03 -4.15
N THR A 65 -22.25 -3.21 -3.19
CA THR A 65 -21.89 -2.13 -2.28
C THR A 65 -21.15 -1.01 -3.00
N HIS A 66 -20.26 -1.37 -3.94
CA HIS A 66 -19.55 -0.37 -4.72
C HIS A 66 -20.47 0.40 -5.65
N PHE A 67 -21.62 -0.18 -6.02
CA PHE A 67 -22.57 0.54 -6.85
C PHE A 67 -23.29 1.62 -6.05
N LEU A 68 -23.60 1.34 -4.78
CA LEU A 68 -24.30 2.31 -3.94
C LEU A 68 -23.41 3.49 -3.60
N LEU A 69 -22.10 3.29 -3.50
CA LEU A 69 -21.17 4.34 -3.13
C LEU A 69 -20.70 5.16 -4.32
N THR A 70 -21.21 4.90 -5.52
CA THR A 70 -20.74 5.57 -6.72
C THR A 70 -21.88 6.10 -7.60
N HIS A 71 -23.11 6.15 -7.10
CA HIS A 71 -24.23 6.64 -7.87
C HIS A 71 -25.19 7.37 -6.94
N GLY A 72 -25.98 8.27 -7.52
CA GLY A 72 -26.93 9.06 -6.76
C GLY A 72 -26.24 10.00 -5.78
N ARG A 73 -25.58 11.03 -6.32
CA ARG A 73 -24.78 11.91 -5.48
C ARG A 73 -25.63 12.68 -4.48
N TRP A 74 -26.90 12.92 -4.80
CA TRP A 74 -27.76 13.71 -3.92
C TRP A 74 -27.86 13.09 -2.52
N PHE A 75 -27.97 11.76 -2.47
CA PHE A 75 -28.08 11.09 -1.17
C PHE A 75 -26.80 11.25 -0.35
N TRP A 76 -25.64 11.29 -1.00
CA TRP A 76 -24.38 11.42 -0.29
C TRP A 76 -24.10 12.85 0.14
N GLU A 77 -24.73 13.84 -0.49
CA GLU A 77 -24.61 15.22 0.00
C GLU A 77 -25.17 15.35 1.41
N PHE A 78 -26.28 14.66 1.69
CA PHE A 78 -26.89 14.73 3.00
C PHE A 78 -26.10 13.93 4.03
N VAL A 79 -25.64 12.74 3.65
CA VAL A 79 -24.90 11.90 4.58
C VAL A 79 -23.61 12.58 5.04
N ASN A 80 -22.93 13.26 4.11
CA ASN A 80 -21.67 13.92 4.45
C ASN A 80 -21.87 15.11 5.38
N ALA A 81 -23.09 15.64 5.49
CA ALA A 81 -23.36 16.82 6.30
C ALA A 81 -24.09 16.49 7.59
N THR A 82 -24.20 15.22 7.96
CA THR A 82 -24.82 14.81 9.22
C THR A 82 -23.88 13.85 9.94
N PHE A 83 -24.30 13.41 11.12
CA PHE A 83 -23.51 12.45 11.89
C PHE A 83 -23.55 11.05 11.30
N ILE A 84 -24.33 10.83 10.23
CA ILE A 84 -24.31 9.53 9.54
C ILE A 84 -22.95 9.26 8.94
N ARG A 85 -22.24 10.33 8.53
CA ARG A 85 -20.90 10.17 7.97
C ARG A 85 -19.96 9.55 8.99
N GLU A 86 -19.96 10.07 10.22
CA GLU A 86 -19.14 9.48 11.28
C GLU A 86 -19.58 8.06 11.59
N MET A 87 -20.90 7.83 11.65
CA MET A 87 -21.41 6.51 11.97
C MET A 87 -21.07 5.50 10.88
N LEU A 88 -21.09 5.92 9.62
CA LEU A 88 -20.70 5.04 8.54
C LEU A 88 -19.19 4.78 8.55
N MET A 89 -18.40 5.80 8.90
CA MET A 89 -16.95 5.63 8.95
C MET A 89 -16.56 4.62 10.02
N ARG A 90 -17.24 4.65 11.16
CA ARG A 90 -17.01 3.64 12.19
C ARG A 90 -17.30 2.25 11.66
N LEU A 91 -18.27 2.13 10.74
CA LEU A 91 -18.62 0.84 10.17
C LEU A 91 -17.59 0.38 9.14
N VAL A 92 -17.07 1.31 8.33
CA VAL A 92 -16.09 0.95 7.32
C VAL A 92 -14.77 0.53 7.96
N LEU A 93 -14.37 1.22 9.02
CA LEU A 93 -13.11 0.90 9.68
C LEU A 93 -13.19 -0.43 10.43
N THR A 94 -14.34 -0.71 11.06
CA THR A 94 -14.47 -1.91 11.87
C THR A 94 -14.57 -3.16 11.00
N VAL A 95 -15.40 -3.12 9.95
CA VAL A 95 -15.64 -4.31 9.15
C VAL A 95 -14.40 -4.65 8.31
N ARG A 96 -13.73 -3.64 7.76
CA ARG A 96 -12.57 -3.91 6.92
C ARG A 96 -11.39 -4.45 7.74
N SER A 97 -11.25 -4.02 8.99
CA SER A 97 -10.10 -4.41 9.80
C SER A 97 -10.25 -5.78 10.43
N ASN A 98 -11.48 -6.31 10.53
CA ASN A 98 -11.69 -7.60 11.17
C ASN A 98 -11.07 -8.75 10.38
N LEU A 99 -10.72 -8.52 9.12
CA LEU A 99 -10.12 -9.59 8.31
C LEU A 99 -8.65 -9.79 8.62
N ILE A 100 -7.95 -8.74 9.01
CA ILE A 100 -6.51 -8.83 9.31
C ILE A 100 -6.35 -9.38 10.73
N PRO A 101 -5.51 -10.39 10.93
CA PRO A 101 -5.32 -10.93 12.28
C PRO A 101 -4.79 -9.87 13.24
N SER A 102 -5.32 -9.90 14.47
CA SER A 102 -4.96 -8.84 15.42
C SER A 102 -3.49 -8.91 15.83
N PRO A 103 -2.95 -10.03 16.31
CA PRO A 103 -1.50 -10.25 16.17
C PRO A 103 -1.21 -11.03 14.90
N PRO A 104 -0.06 -10.80 14.28
CA PRO A 104 0.23 -11.47 13.00
C PRO A 104 0.32 -12.98 13.19
N THR A 105 -0.33 -13.72 12.29
CA THR A 105 -0.44 -15.16 12.44
C THR A 105 0.80 -15.89 11.95
N TYR A 106 1.09 -15.79 10.66
CA TYR A 106 2.16 -16.54 10.03
C TYR A 106 3.16 -15.58 9.39
N ASN A 107 4.21 -16.15 8.81
CA ASN A 107 5.20 -15.37 8.07
C ASN A 107 5.75 -16.25 6.95
N SER A 108 6.89 -15.84 6.38
CA SER A 108 7.47 -16.53 5.24
C SER A 108 8.17 -17.84 5.61
N ALA A 109 8.35 -18.12 6.89
CA ALA A 109 9.04 -19.33 7.33
C ALA A 109 8.17 -20.28 8.13
N HIS A 110 7.14 -19.79 8.80
CA HIS A 110 6.27 -20.63 9.62
C HIS A 110 4.84 -20.52 9.10
N ASP A 111 4.20 -21.67 8.89
CA ASP A 111 2.80 -21.74 8.47
C ASP A 111 1.88 -22.01 9.66
N TYR A 112 2.22 -21.48 10.82
CA TYR A 112 1.49 -21.73 12.05
C TYR A 112 1.81 -20.63 13.04
N ILE A 113 0.97 -20.52 14.07
CA ILE A 113 1.24 -19.57 15.14
C ILE A 113 2.53 -19.96 15.83
N SER A 114 3.40 -18.98 16.05
CA SER A 114 4.70 -19.25 16.69
C SER A 114 5.26 -17.94 17.22
N TRP A 115 6.04 -18.05 18.30
CA TRP A 115 6.60 -16.85 18.91
C TRP A 115 7.65 -16.21 18.01
N GLU A 116 8.31 -17.00 17.17
CA GLU A 116 9.23 -16.43 16.19
C GLU A 116 8.49 -15.60 15.14
N SER A 117 7.28 -16.02 14.77
CA SER A 117 6.47 -15.24 13.85
C SER A 117 6.00 -13.94 14.47
N PHE A 118 5.79 -13.92 15.78
CA PHE A 118 5.29 -12.73 16.46
C PHE A 118 6.40 -11.77 16.85
N SER A 119 7.56 -12.28 17.27
CA SER A 119 8.63 -11.45 17.81
C SER A 119 9.60 -10.96 16.74
N ASN A 120 10.03 -11.83 15.84
CA ASN A 120 11.01 -11.46 14.81
C ASN A 120 10.32 -10.56 13.80
N VAL A 121 10.47 -9.24 13.99
CA VAL A 121 9.81 -8.26 13.13
C VAL A 121 10.49 -8.09 11.79
N SER A 122 11.59 -8.79 11.54
CA SER A 122 12.27 -8.73 10.25
C SER A 122 11.58 -9.56 9.18
N TYR A 123 10.44 -10.17 9.50
CA TYR A 123 9.70 -11.02 8.58
C TYR A 123 8.48 -10.29 8.03
N TYR A 124 8.16 -10.57 6.77
CA TYR A 124 6.85 -10.24 6.22
C TYR A 124 5.83 -11.26 6.70
N THR A 125 4.76 -10.78 7.33
CA THR A 125 3.70 -11.69 7.75
C THR A 125 2.84 -12.05 6.54
N ARG A 126 1.83 -12.90 6.77
CA ARG A 126 0.94 -13.30 5.69
C ARG A 126 -0.42 -13.65 6.28
N ILE A 127 -1.42 -13.69 5.40
CA ILE A 127 -2.80 -13.96 5.79
C ILE A 127 -3.16 -15.43 5.59
N LEU A 128 -2.86 -15.97 4.40
CA LEU A 128 -3.07 -17.37 4.12
C LEU A 128 -1.74 -18.11 4.06
N PRO A 129 -1.63 -19.29 4.68
CA PRO A 129 -0.38 -20.05 4.60
C PRO A 129 -0.09 -20.50 3.19
N SER A 130 1.14 -20.97 3.00
CA SER A 130 1.65 -21.30 1.67
C SER A 130 1.22 -22.71 1.27
N VAL A 131 1.34 -22.98 -0.03
CA VAL A 131 1.03 -24.32 -0.54
C VAL A 131 2.12 -25.29 -0.09
N PRO A 132 1.78 -26.40 0.56
CA PRO A 132 2.80 -27.33 1.01
C PRO A 132 3.61 -27.90 -0.15
N LYS A 133 4.89 -28.15 0.13
CA LYS A 133 5.82 -28.62 -0.90
C LYS A 133 5.50 -30.03 -1.37
N ASP A 134 4.64 -30.78 -0.66
CA ASP A 134 4.25 -32.13 -1.07
C ASP A 134 2.86 -32.16 -1.70
N CYS A 135 2.48 -31.08 -2.42
CA CYS A 135 1.23 -31.08 -3.15
C CYS A 135 1.44 -31.54 -4.59
N PRO A 136 0.42 -32.13 -5.23
CA PRO A 136 0.57 -32.59 -6.62
C PRO A 136 0.98 -31.49 -7.57
N THR A 137 0.20 -30.42 -7.63
CA THR A 137 0.49 -29.28 -8.48
C THR A 137 1.15 -28.16 -7.67
N PRO A 138 1.91 -27.27 -8.32
CA PRO A 138 2.52 -26.16 -7.59
C PRO A 138 1.52 -25.15 -7.03
N MET A 139 0.23 -25.29 -7.33
CA MET A 139 -0.81 -24.42 -6.80
C MET A 139 -1.76 -25.16 -5.86
N GLY A 140 -1.41 -26.36 -5.44
CA GLY A 140 -2.31 -27.16 -4.63
C GLY A 140 -2.64 -28.49 -5.29
N THR A 141 -3.90 -28.65 -5.72
CA THR A 141 -4.32 -29.86 -6.42
C THR A 141 -4.79 -29.61 -7.84
N LYS A 142 -5.02 -28.37 -8.24
CA LYS A 142 -5.52 -28.04 -9.57
C LYS A 142 -4.42 -27.38 -10.40
N GLY A 143 -4.64 -27.36 -11.70
CA GLY A 143 -3.72 -26.74 -12.62
C GLY A 143 -2.78 -27.73 -13.28
N LYS A 144 -1.69 -27.18 -13.83
CA LYS A 144 -0.68 -27.96 -14.51
C LYS A 144 0.51 -28.23 -13.59
N LYS A 145 1.43 -29.07 -14.07
CA LYS A 145 2.62 -29.40 -13.32
C LYS A 145 3.70 -28.34 -13.39
N GLN A 146 3.54 -27.33 -14.25
CA GLN A 146 4.47 -26.21 -14.33
C GLN A 146 3.70 -24.95 -14.68
N LEU A 147 3.90 -23.91 -13.88
CA LEU A 147 3.18 -22.66 -14.08
C LEU A 147 3.59 -22.00 -15.39
N PRO A 148 2.74 -21.12 -15.93
CA PRO A 148 3.08 -20.46 -17.19
C PRO A 148 4.34 -19.61 -17.07
N ASP A 149 4.92 -19.30 -18.23
CA ASP A 149 6.18 -18.57 -18.28
C ASP A 149 6.03 -17.19 -17.64
N ALA A 150 7.05 -16.78 -16.88
CA ALA A 150 6.98 -15.51 -16.16
C ALA A 150 7.03 -14.32 -17.11
N GLN A 151 7.72 -14.46 -18.23
CA GLN A 151 7.84 -13.35 -19.18
C GLN A 151 6.75 -13.37 -20.24
N LEU A 152 6.36 -14.55 -20.71
CA LEU A 152 5.23 -14.65 -21.64
C LEU A 152 3.93 -14.23 -20.97
N LEU A 153 3.85 -14.33 -19.63
CA LEU A 153 2.68 -13.85 -18.91
C LEU A 153 2.69 -12.32 -18.80
N ALA A 154 3.86 -11.74 -18.55
CA ALA A 154 3.97 -10.29 -18.41
C ALA A 154 3.93 -9.57 -19.75
N ARG A 155 4.29 -10.24 -20.84
CA ARG A 155 4.30 -9.61 -22.16
C ARG A 155 2.97 -9.74 -22.87
N ARG A 156 2.28 -10.87 -22.69
CA ARG A 156 1.02 -11.10 -23.42
C ARG A 156 -0.18 -10.47 -22.73
N PHE A 157 -0.13 -10.25 -21.41
CA PHE A 157 -1.26 -9.73 -20.67
C PHE A 157 -0.98 -8.45 -19.90
N LEU A 158 0.24 -8.26 -19.40
CA LEU A 158 0.56 -7.10 -18.59
C LEU A 158 1.23 -5.97 -19.36
N LEU A 159 1.89 -6.29 -20.48
CA LEU A 159 2.62 -5.28 -21.23
C LEU A 159 1.66 -4.30 -21.89
N ARG A 160 1.95 -3.01 -21.76
CA ARG A 160 1.13 -1.97 -22.36
C ARG A 160 1.34 -1.91 -23.86
N ARG A 161 0.24 -1.82 -24.59
CA ARG A 161 0.28 -1.59 -26.04
C ARG A 161 0.19 -0.11 -26.34
N LYS A 162 -0.90 0.52 -25.91
CA LYS A 162 -1.06 1.97 -25.95
C LYS A 162 -1.50 2.45 -24.58
N PHE A 163 -1.20 3.71 -24.27
CA PHE A 163 -1.53 4.26 -22.97
C PHE A 163 -3.05 4.32 -22.80
N ILE A 164 -3.56 3.62 -21.80
CA ILE A 164 -4.97 3.68 -21.43
C ILE A 164 -5.08 4.56 -20.18
N PRO A 165 -5.70 5.73 -20.27
CA PRO A 165 -5.73 6.63 -19.11
C PRO A 165 -6.60 6.08 -17.99
N ASP A 166 -6.45 6.71 -16.82
CA ASP A 166 -7.27 6.36 -15.67
C ASP A 166 -8.64 7.00 -15.82
N PRO A 167 -9.73 6.22 -15.77
CA PRO A 167 -11.06 6.82 -15.91
C PRO A 167 -11.39 7.83 -14.82
N GLN A 168 -10.79 7.68 -13.64
CA GLN A 168 -11.06 8.58 -12.53
C GLN A 168 -10.20 9.84 -12.57
N GLY A 169 -9.23 9.92 -13.49
CA GLY A 169 -8.41 11.11 -13.60
C GLY A 169 -7.25 11.20 -12.64
N THR A 170 -6.78 10.07 -12.11
CA THR A 170 -5.64 10.09 -11.21
C THR A 170 -4.39 10.54 -11.94
N ASN A 171 -3.65 11.48 -11.33
CA ASN A 171 -2.51 12.10 -11.97
C ASN A 171 -1.20 11.51 -11.45
N LEU A 172 -0.09 11.98 -12.02
CA LEU A 172 1.23 11.52 -11.62
C LEU A 172 1.62 12.02 -10.23
N MET A 173 1.03 13.13 -9.78
CA MET A 173 1.24 13.58 -8.40
C MET A 173 0.78 12.52 -7.41
N PHE A 174 -0.22 11.72 -7.80
CA PHE A 174 -0.64 10.57 -6.99
C PHE A 174 0.35 9.42 -7.12
N ALA A 175 0.89 9.21 -8.33
CA ALA A 175 1.80 8.10 -8.57
C ALA A 175 3.08 8.26 -7.76
N PHE A 176 3.72 9.42 -7.85
CA PHE A 176 4.95 9.66 -7.09
C PHE A 176 4.68 9.70 -5.59
N PHE A 177 3.47 10.06 -5.20
CA PHE A 177 3.09 9.95 -3.79
C PHE A 177 2.98 8.49 -3.37
N ALA A 178 2.36 7.66 -4.21
CA ALA A 178 2.23 6.24 -3.90
C ALA A 178 3.58 5.57 -3.77
N GLN A 179 4.48 5.85 -4.72
CA GLN A 179 5.82 5.25 -4.67
C GLN A 179 6.59 5.76 -3.45
N HIS A 180 6.44 7.04 -3.13
CA HIS A 180 7.13 7.59 -1.96
C HIS A 180 6.54 7.06 -0.67
N PHE A 181 5.20 7.11 -0.54
CA PHE A 181 4.56 6.73 0.71
C PHE A 181 4.74 5.26 1.03
N THR A 182 4.91 4.40 0.01
CA THR A 182 5.01 2.97 0.27
C THR A 182 6.43 2.50 0.50
N HIS A 183 7.40 3.25 0.05
CA HIS A 183 8.76 2.79 0.27
C HIS A 183 9.18 2.92 1.72
N GLN A 184 8.29 3.27 2.64
CA GLN A 184 8.66 3.31 4.06
C GLN A 184 8.34 2.00 4.78
N PHE A 185 7.51 1.14 4.20
CA PHE A 185 7.28 -0.20 4.74
C PHE A 185 7.43 -1.30 3.70
N PHE A 186 7.85 -0.97 2.48
CA PHE A 186 8.15 -1.94 1.43
C PHE A 186 9.63 -1.80 1.08
N LYS A 187 10.48 -2.47 1.85
CA LYS A 187 11.93 -2.46 1.61
C LYS A 187 12.44 -3.90 1.74
N THR A 188 12.43 -4.62 0.63
CA THR A 188 12.88 -6.01 0.64
C THR A 188 14.38 -6.08 0.63
N SER A 189 14.95 -6.88 1.53
CA SER A 189 16.40 -6.99 1.68
C SER A 189 16.96 -7.96 0.65
N GLY A 190 17.78 -7.45 -0.26
CA GLY A 190 18.35 -8.31 -1.28
C GLY A 190 19.29 -9.37 -0.73
N LYS A 191 20.01 -9.03 0.35
CA LYS A 191 20.96 -9.98 0.92
C LYS A 191 20.27 -11.09 1.69
N MET A 192 19.22 -10.77 2.44
CA MET A 192 18.54 -11.77 3.26
C MET A 192 17.67 -12.68 2.41
N GLY A 193 16.80 -12.12 1.58
CA GLY A 193 15.95 -12.90 0.72
C GLY A 193 14.71 -12.16 0.25
N PRO A 194 13.73 -12.90 -0.26
CA PRO A 194 12.52 -12.29 -0.80
C PRO A 194 11.36 -12.14 0.17
N GLY A 195 11.54 -12.50 1.44
CA GLY A 195 10.45 -12.43 2.39
C GLY A 195 10.79 -11.62 3.64
N PHE A 196 11.87 -10.85 3.58
CA PHE A 196 12.33 -10.06 4.70
C PHE A 196 12.24 -8.57 4.36
N THR A 197 12.21 -7.74 5.40
CA THR A 197 12.06 -6.31 5.23
C THR A 197 13.04 -5.56 6.13
N LYS A 198 13.67 -4.54 5.59
CA LYS A 198 14.48 -3.62 6.38
C LYS A 198 13.64 -2.56 7.07
N ALA A 199 12.39 -2.38 6.66
CA ALA A 199 11.49 -1.39 7.26
C ALA A 199 10.78 -2.03 8.45
N LEU A 200 11.49 -2.10 9.57
CA LEU A 200 10.97 -2.73 10.77
C LEU A 200 9.84 -1.95 11.42
N GLY A 201 9.59 -0.71 10.98
CA GLY A 201 8.50 0.06 11.55
C GLY A 201 7.14 -0.56 11.31
N HIS A 202 6.97 -1.21 10.16
CA HIS A 202 5.74 -1.94 9.82
C HIS A 202 4.51 -1.04 9.88
N GLY A 203 4.57 0.05 9.12
CA GLY A 203 3.46 0.96 9.05
C GLY A 203 3.94 2.37 8.72
N VAL A 204 3.17 3.35 9.19
CA VAL A 204 3.46 4.76 8.92
C VAL A 204 4.37 5.22 10.05
N ASP A 205 5.67 4.96 9.90
CA ASP A 205 6.69 5.46 10.79
C ASP A 205 7.51 6.58 10.17
N LEU A 206 7.25 6.92 8.90
CA LEU A 206 8.03 7.89 8.15
C LEU A 206 9.51 7.53 8.16
N GLY A 207 9.80 6.23 8.12
CA GLY A 207 11.17 5.77 8.00
C GLY A 207 11.85 6.21 6.72
N HIS A 208 11.06 6.53 5.69
CA HIS A 208 11.57 7.07 4.44
C HIS A 208 11.89 8.56 4.54
N ILE A 209 11.77 9.15 5.73
CA ILE A 209 12.11 10.55 5.98
C ILE A 209 13.22 10.67 7.01
N TYR A 210 13.11 9.92 8.11
CA TYR A 210 14.09 9.94 9.19
C TYR A 210 15.02 8.75 9.18
N GLY A 211 14.89 7.85 8.21
CA GLY A 211 15.77 6.68 8.17
C GLY A 211 15.17 5.49 8.88
N ASP A 212 15.48 4.30 8.35
CA ASP A 212 14.98 3.05 8.92
C ASP A 212 15.81 2.56 10.10
N ASN A 213 16.86 3.28 10.48
CA ASN A 213 17.66 2.94 11.65
C ASN A 213 17.96 4.22 12.41
N LEU A 214 18.78 4.11 13.45
CA LEU A 214 19.07 5.27 14.30
C LEU A 214 20.34 6.00 13.87
N GLU A 215 21.38 5.27 13.46
CA GLU A 215 22.59 5.93 12.97
C GLU A 215 22.28 6.81 11.76
N ARG A 216 21.46 6.31 10.84
CA ARG A 216 21.06 7.12 9.69
C ARG A 216 20.25 8.34 10.11
N GLN A 217 19.46 8.22 11.19
CA GLN A 217 18.68 9.34 11.66
C GLN A 217 19.57 10.45 12.21
N TYR A 218 20.56 10.07 13.02
CA TYR A 218 21.48 11.07 13.58
C TYR A 218 22.25 11.79 12.49
N GLN A 219 22.72 11.05 11.48
CA GLN A 219 23.52 11.64 10.42
C GLN A 219 22.69 12.52 9.50
N LEU A 220 21.36 12.42 9.55
CA LEU A 220 20.48 13.25 8.74
C LEU A 220 19.95 14.46 9.48
N ARG A 221 20.21 14.57 10.78
CA ARG A 221 19.67 15.64 11.61
C ARG A 221 20.70 16.74 11.84
N LEU A 222 20.20 17.97 11.95
CA LEU A 222 21.06 19.11 12.24
C LEU A 222 21.41 19.23 13.71
N PHE A 223 20.63 18.59 14.59
CA PHE A 223 20.82 18.63 16.04
C PHE A 223 20.80 20.06 16.59
N LYS A 224 20.17 20.98 15.87
CA LYS A 224 19.94 22.34 16.32
C LYS A 224 18.50 22.69 16.06
N ASP A 225 17.74 22.97 17.12
CA ASP A 225 16.31 23.26 17.04
C ASP A 225 15.53 22.11 16.41
N GLY A 226 16.00 20.88 16.62
CA GLY A 226 15.27 19.69 16.19
C GLY A 226 15.04 19.58 14.70
N LYS A 227 15.82 20.31 13.89
CA LYS A 227 15.63 20.30 12.46
C LYS A 227 16.48 19.22 11.80
N LEU A 228 16.15 18.91 10.55
CA LEU A 228 16.99 18.10 9.70
C LEU A 228 17.97 18.99 8.97
N LYS A 229 19.15 18.44 8.67
CA LYS A 229 20.13 19.17 7.88
C LYS A 229 19.51 19.60 6.56
N TYR A 230 19.52 20.90 6.29
CA TYR A 230 18.94 21.44 5.07
C TYR A 230 20.00 22.19 4.27
N GLN A 231 19.90 22.10 2.95
CA GLN A 231 20.84 22.72 2.03
C GLN A 231 20.07 23.75 1.21
N VAL A 232 20.30 25.02 1.49
CA VAL A 232 19.63 26.10 0.77
C VAL A 232 20.31 26.29 -0.58
N LEU A 233 19.55 26.13 -1.66
CA LEU A 233 20.05 26.28 -3.02
C LEU A 233 19.28 27.40 -3.70
N ASP A 234 20.02 28.43 -4.14
CA ASP A 234 19.48 29.61 -4.83
C ASP A 234 18.14 30.05 -4.24
N GLY A 235 18.11 30.16 -2.92
CA GLY A 235 16.93 30.64 -2.22
C GLY A 235 16.03 29.56 -1.68
N GLU A 236 15.86 28.48 -2.44
CA GLU A 236 14.99 27.40 -2.03
C GLU A 236 15.71 26.42 -1.11
N MET A 237 14.93 25.78 -0.22
CA MET A 237 15.46 24.82 0.73
C MET A 237 15.29 23.41 0.17
N TYR A 238 16.39 22.68 0.04
CA TYR A 238 16.43 21.31 -0.42
C TYR A 238 17.11 20.43 0.63
N PRO A 239 16.89 19.12 0.59
CA PRO A 239 17.61 18.21 1.49
C PRO A 239 19.11 18.34 1.32
N PRO A 240 19.90 17.92 2.32
CA PRO A 240 21.32 18.24 2.31
C PRO A 240 22.09 17.38 1.31
N SER A 241 23.27 17.86 0.97
CA SER A 241 24.16 17.09 0.11
C SER A 241 24.70 15.88 0.86
N VAL A 242 25.15 14.88 0.10
CA VAL A 242 25.51 13.60 0.71
C VAL A 242 26.75 13.74 1.59
N GLU A 243 27.65 14.67 1.26
CA GLU A 243 28.82 14.87 2.11
C GLU A 243 28.50 15.62 3.39
N GLU A 244 27.37 16.35 3.42
CA GLU A 244 26.92 16.98 4.66
C GLU A 244 26.27 15.95 5.58
N ALA A 245 25.48 15.04 5.02
CA ALA A 245 24.83 13.96 5.76
C ALA A 245 25.38 12.64 5.22
N PRO A 246 26.55 12.21 5.67
CA PRO A 246 27.18 11.01 5.09
C PRO A 246 26.48 9.71 5.46
N VAL A 247 25.30 9.49 4.88
CA VAL A 247 24.61 8.21 4.95
C VAL A 247 24.58 7.63 3.54
N LEU A 248 24.75 6.31 3.42
CA LEU A 248 24.90 5.70 2.12
C LEU A 248 23.64 5.87 1.30
N MET A 249 23.75 6.57 0.18
CA MET A 249 22.68 6.73 -0.79
C MET A 249 23.00 5.90 -2.03
N HIS A 250 21.95 5.42 -2.69
CA HIS A 250 22.14 4.63 -3.91
C HIS A 250 22.15 5.53 -5.14
N TYR A 251 22.97 6.58 -5.09
CA TYR A 251 23.19 7.45 -6.22
C TYR A 251 24.14 6.79 -7.22
N PRO A 252 24.00 7.11 -8.51
CA PRO A 252 24.87 6.48 -9.51
C PRO A 252 26.30 6.99 -9.42
N ARG A 253 27.22 6.15 -9.85
CA ARG A 253 28.64 6.44 -9.74
C ARG A 253 29.04 7.57 -10.66
N GLY A 254 29.88 8.48 -10.16
CA GLY A 254 30.40 9.55 -10.99
C GLY A 254 29.86 10.93 -10.68
N ILE A 255 28.58 10.99 -10.34
CA ILE A 255 27.94 12.28 -10.07
C ILE A 255 28.52 12.86 -8.77
N PRO A 256 28.95 14.12 -8.76
CA PRO A 256 29.67 14.67 -7.60
C PRO A 256 28.78 14.75 -6.38
N PRO A 257 29.36 14.71 -5.18
CA PRO A 257 28.56 14.80 -3.96
C PRO A 257 27.82 16.12 -3.82
N GLN A 258 28.29 17.18 -4.47
CA GLN A 258 27.56 18.45 -4.47
C GLN A 258 26.17 18.32 -5.07
N SER A 259 25.95 17.32 -5.92
CA SER A 259 24.66 17.10 -6.56
C SER A 259 23.80 16.07 -5.84
N GLN A 260 24.41 15.08 -5.21
CA GLN A 260 23.65 14.07 -4.47
C GLN A 260 22.97 14.71 -3.26
N MET A 261 21.82 14.15 -2.89
CA MET A 261 21.05 14.65 -1.76
C MET A 261 20.70 13.49 -0.84
N ALA A 262 21.06 13.63 0.43
CA ALA A 262 20.83 12.58 1.43
C ALA A 262 19.45 12.75 2.04
N VAL A 263 18.66 11.68 1.99
CA VAL A 263 17.31 11.64 2.54
C VAL A 263 17.14 10.33 3.32
N GLY A 264 15.94 10.10 3.83
CA GLY A 264 15.70 8.94 4.65
C GLY A 264 15.94 7.64 3.90
N GLN A 265 15.30 7.47 2.76
CA GLN A 265 15.47 6.26 1.97
C GLN A 265 16.72 6.36 1.10
N GLU A 266 17.25 5.20 0.74
CA GLU A 266 18.48 5.11 -0.05
C GLU A 266 18.22 5.29 -1.55
N VAL A 267 17.01 4.98 -2.03
CA VAL A 267 16.74 4.99 -3.46
C VAL A 267 16.04 6.25 -3.94
N PHE A 268 15.59 7.12 -3.02
CA PHE A 268 14.78 8.27 -3.39
C PHE A 268 15.51 9.23 -4.32
N GLY A 269 16.83 9.20 -4.36
CA GLY A 269 17.57 10.11 -5.21
C GLY A 269 17.69 9.65 -6.65
N LEU A 270 16.84 8.72 -7.08
CA LEU A 270 16.88 8.15 -8.42
C LEU A 270 15.64 8.51 -9.22
N LEU A 271 14.86 9.47 -8.76
CA LEU A 271 13.69 9.98 -9.47
C LEU A 271 13.40 11.40 -9.02
N PRO A 272 13.12 12.32 -9.96
CA PRO A 272 12.68 13.67 -9.53
C PRO A 272 11.41 13.64 -8.71
N GLY A 273 10.52 12.68 -8.95
CA GLY A 273 9.29 12.60 -8.19
C GLY A 273 9.50 12.14 -6.76
N LEU A 274 10.36 11.14 -6.56
CA LEU A 274 10.67 10.69 -5.20
C LEU A 274 11.44 11.76 -4.44
N MET A 275 12.39 12.43 -5.11
CA MET A 275 13.10 13.53 -4.48
C MET A 275 12.20 14.74 -4.25
N LEU A 276 11.11 14.86 -5.01
CA LEU A 276 10.20 15.99 -4.84
C LEU A 276 9.50 15.93 -3.49
N TYR A 277 8.97 14.76 -3.13
CA TYR A 277 8.26 14.64 -1.86
C TYR A 277 9.23 14.66 -0.68
N ALA A 278 10.40 14.05 -0.84
CA ALA A 278 11.40 14.12 0.21
C ALA A 278 11.82 15.56 0.48
N THR A 279 11.86 16.40 -0.56
CA THR A 279 12.12 17.82 -0.36
C THR A 279 10.95 18.49 0.34
N LEU A 280 9.72 18.07 0.02
CA LEU A 280 8.53 18.70 0.61
C LEU A 280 8.45 18.40 2.10
N TRP A 281 8.55 17.13 2.48
CA TRP A 281 8.44 16.77 3.89
C TRP A 281 9.60 17.34 4.70
N LEU A 282 10.79 17.47 4.10
CA LEU A 282 11.90 18.12 4.80
C LEU A 282 11.60 19.60 5.00
N ARG A 283 10.99 20.25 4.00
CA ARG A 283 10.52 21.63 4.20
C ARG A 283 9.42 21.67 5.24
N GLU A 284 8.53 20.66 5.25
CA GLU A 284 7.47 20.61 6.23
C GLU A 284 8.03 20.35 7.63
N HIS A 285 9.02 19.47 7.74
CA HIS A 285 9.60 19.16 9.04
C HIS A 285 10.24 20.39 9.65
N ASN A 286 11.10 21.08 8.88
CA ASN A 286 11.71 22.31 9.37
C ASN A 286 10.70 23.43 9.55
N ARG A 287 9.53 23.33 8.90
CA ARG A 287 8.49 24.33 9.12
C ARG A 287 7.81 24.13 10.47
N VAL A 288 7.51 22.89 10.83
CA VAL A 288 6.86 22.62 12.11
C VAL A 288 7.79 22.94 13.27
N CYS A 289 9.10 22.74 13.09
CA CYS A 289 10.05 23.02 14.17
C CYS A 289 10.02 24.49 14.58
N ASP A 290 9.77 25.39 13.63
CA ASP A 290 9.68 26.81 13.97
C ASP A 290 8.41 27.11 14.74
N LEU A 291 7.31 26.42 14.45
CA LEU A 291 6.05 26.68 15.13
C LEU A 291 6.02 26.13 16.55
N LEU A 292 6.84 25.12 16.84
CA LEU A 292 6.89 24.55 18.19
C LEU A 292 7.87 25.30 19.09
N LYS A 293 9.00 25.75 18.55
CA LYS A 293 9.95 26.53 19.34
C LYS A 293 9.33 27.82 19.86
N ALA A 294 8.39 28.39 19.10
CA ALA A 294 7.70 29.59 19.56
C ALA A 294 6.81 29.28 20.77
N GLU A 295 6.04 28.18 20.68
CA GLU A 295 5.15 27.83 21.77
C GLU A 295 5.92 27.32 22.99
N HIS A 296 7.02 26.59 22.75
CA HIS A 296 7.81 25.98 23.82
C HIS A 296 9.26 26.39 23.66
N PRO A 297 9.62 27.59 24.12
CA PRO A 297 11.06 27.97 24.12
C PRO A 297 11.90 27.09 25.02
N THR A 298 11.38 26.69 26.18
CA THR A 298 12.12 25.85 27.11
C THR A 298 12.05 24.38 26.70
N TRP A 299 12.42 24.08 25.47
CA TRP A 299 12.44 22.72 24.96
C TRP A 299 13.81 22.42 24.38
N GLY A 300 14.24 21.16 24.52
CA GLY A 300 15.52 20.74 24.02
C GLY A 300 15.49 20.43 22.54
N ASP A 301 16.61 19.90 22.06
CA ASP A 301 16.71 19.53 20.64
C ASP A 301 15.95 18.25 20.34
N GLU A 302 15.98 17.28 21.26
CA GLU A 302 15.33 15.99 21.01
C GLU A 302 13.82 16.14 20.95
N GLN A 303 13.24 16.87 21.91
CA GLN A 303 11.78 16.99 21.96
C GLN A 303 11.25 17.77 20.76
N LEU A 304 12.01 18.73 20.25
CA LEU A 304 11.59 19.44 19.05
C LEU A 304 11.53 18.52 17.85
N PHE A 305 12.36 17.48 17.83
CA PHE A 305 12.41 16.53 16.72
C PHE A 305 11.37 15.43 16.87
N GLN A 306 11.33 14.77 18.03
CA GLN A 306 10.44 13.62 18.20
C GLN A 306 8.97 14.03 18.22
N THR A 307 8.67 15.25 18.66
CA THR A 307 7.28 15.72 18.61
C THR A 307 6.88 16.10 17.19
N THR A 308 7.80 16.70 16.43
CA THR A 308 7.53 17.00 15.04
C THR A 308 7.33 15.73 14.22
N ARG A 309 8.01 14.64 14.61
CA ARG A 309 7.83 13.37 13.91
C ARG A 309 6.39 12.87 14.02
N LEU A 310 5.82 12.92 15.23
CA LEU A 310 4.46 12.46 15.42
C LEU A 310 3.47 13.32 14.64
N ILE A 311 3.74 14.62 14.55
CA ILE A 311 2.88 15.52 13.78
C ILE A 311 2.90 15.13 12.30
N LEU A 312 4.10 14.94 11.74
CA LEU A 312 4.20 14.54 10.35
C LEU A 312 3.66 13.13 10.13
N ILE A 313 3.77 12.26 11.13
CA ILE A 313 3.08 10.98 11.06
C ILE A 313 1.58 11.18 11.07
N GLY A 314 1.12 12.19 11.81
CA GLY A 314 -0.31 12.48 11.84
C GLY A 314 -0.83 13.02 10.54
N GLU A 315 -0.10 13.96 9.93
CA GLU A 315 -0.52 14.52 8.64
C GLU A 315 -0.53 13.45 7.57
N THR A 316 0.42 12.50 7.62
CA THR A 316 0.46 11.45 6.61
C THR A 316 -0.77 10.57 6.68
N ILE A 317 -1.15 10.14 7.88
CA ILE A 317 -2.31 9.27 8.02
C ILE A 317 -3.59 10.00 7.60
N LYS A 318 -3.67 11.31 7.85
CA LYS A 318 -4.86 12.05 7.46
C LYS A 318 -4.95 12.21 5.94
N ILE A 319 -3.85 12.65 5.31
CA ILE A 319 -3.86 12.89 3.87
C ILE A 319 -4.08 11.58 3.11
N VAL A 320 -3.59 10.46 3.66
CA VAL A 320 -3.80 9.18 2.98
C VAL A 320 -5.25 8.74 3.11
N ILE A 321 -5.87 8.97 4.28
CA ILE A 321 -7.25 8.55 4.48
C ILE A 321 -8.21 9.42 3.66
N GLU A 322 -8.09 10.74 3.79
CA GLU A 322 -9.11 11.64 3.28
C GLU A 322 -8.84 12.14 1.86
N GLU A 323 -7.62 11.99 1.34
CA GLU A 323 -7.33 12.40 -0.03
C GLU A 323 -6.81 11.26 -0.88
N TYR A 324 -5.85 10.49 -0.39
CA TYR A 324 -5.25 9.42 -1.19
C TYR A 324 -6.24 8.29 -1.44
N VAL A 325 -6.75 7.68 -0.36
CA VAL A 325 -7.73 6.61 -0.50
C VAL A 325 -9.02 7.14 -1.10
N GLN A 326 -9.39 8.39 -0.77
CA GLN A 326 -10.61 8.98 -1.30
C GLN A 326 -10.60 9.02 -2.82
N GLN A 327 -9.54 9.59 -3.40
CA GLN A 327 -9.41 9.61 -4.85
C GLN A 327 -9.38 8.20 -5.44
N LEU A 328 -8.74 7.28 -4.72
CA LEU A 328 -8.58 5.91 -5.22
C LEU A 328 -9.92 5.19 -5.27
N SER A 329 -10.78 5.42 -4.28
CA SER A 329 -12.06 4.71 -4.23
C SER A 329 -13.10 5.33 -5.17
N GLY A 330 -13.07 6.65 -5.35
CA GLY A 330 -14.11 7.31 -6.10
C GLY A 330 -15.45 7.38 -5.40
N TYR A 331 -15.50 7.06 -4.11
CA TYR A 331 -16.76 7.11 -3.38
C TYR A 331 -17.25 8.54 -3.24
N PHE A 332 -18.57 8.71 -3.31
CA PHE A 332 -19.17 9.99 -2.97
C PHE A 332 -19.22 10.21 -1.46
N LEU A 333 -19.13 9.14 -0.68
CA LEU A 333 -19.04 9.27 0.77
C LEU A 333 -17.66 9.78 1.16
N GLN A 334 -17.61 10.95 1.80
CA GLN A 334 -16.34 11.55 2.19
C GLN A 334 -15.73 10.76 3.35
N LEU A 335 -14.50 10.28 3.16
CA LEU A 335 -13.81 9.56 4.22
C LEU A 335 -13.29 10.53 5.26
N LYS A 336 -13.18 10.05 6.50
CA LYS A 336 -12.79 10.89 7.62
C LYS A 336 -11.81 10.14 8.51
N PHE A 337 -10.65 10.77 8.77
CA PHE A 337 -9.66 10.21 9.69
C PHE A 337 -9.95 10.76 11.07
N ASP A 338 -10.65 9.98 11.89
CA ASP A 338 -10.93 10.34 13.28
C ASP A 338 -10.69 9.10 14.14
N PRO A 339 -9.54 9.03 14.82
CA PRO A 339 -9.27 7.85 15.66
C PRO A 339 -10.28 7.63 16.76
N GLU A 340 -11.05 8.65 17.12
CA GLU A 340 -12.09 8.49 18.13
C GLU A 340 -13.20 7.55 17.69
N LEU A 341 -13.34 7.33 16.38
CA LEU A 341 -14.37 6.42 15.88
C LEU A 341 -14.10 4.97 16.22
N LEU A 342 -12.85 4.63 16.57
CA LEU A 342 -12.49 3.28 16.95
C LEU A 342 -12.30 3.11 18.45
N PHE A 343 -12.67 4.12 19.24
CA PHE A 343 -12.54 4.00 20.70
C PHE A 343 -13.54 3.02 21.29
N GLY A 344 -14.61 2.70 20.57
CA GLY A 344 -15.61 1.78 21.07
C GLY A 344 -15.34 0.33 20.76
N VAL A 345 -14.62 0.08 19.67
CA VAL A 345 -14.33 -1.27 19.22
C VAL A 345 -13.00 -1.72 19.82
N GLN A 346 -12.84 -3.05 19.95
CA GLN A 346 -11.53 -3.60 20.26
C GLN A 346 -10.69 -3.58 19.00
N PHE A 347 -9.60 -2.81 19.03
CA PHE A 347 -8.78 -2.58 17.84
C PHE A 347 -7.33 -2.50 18.27
N GLN A 348 -6.52 -3.48 17.84
CA GLN A 348 -5.11 -3.48 18.15
C GLN A 348 -4.41 -2.38 17.38
N TYR A 349 -3.87 -1.40 18.09
CA TYR A 349 -3.14 -0.31 17.45
C TYR A 349 -1.71 -0.73 17.15
N ARG A 350 -1.55 -1.88 16.50
CA ARG A 350 -0.28 -2.37 16.01
C ARG A 350 -0.50 -2.90 14.60
N ASN A 351 0.56 -2.89 13.80
CA ASN A 351 0.46 -3.35 12.42
C ASN A 351 1.69 -4.14 12.03
N ARG A 352 1.48 -5.18 11.22
CA ARG A 352 2.55 -5.99 10.67
C ARG A 352 2.32 -6.10 9.17
N ILE A 353 3.32 -5.71 8.38
CA ILE A 353 3.17 -5.66 6.93
C ILE A 353 3.11 -7.07 6.37
N ALA A 354 2.05 -7.36 5.62
CA ALA A 354 1.87 -8.67 5.00
C ALA A 354 2.48 -8.69 3.60
N MET A 355 2.92 -9.88 3.20
CA MET A 355 3.54 -10.02 1.89
C MET A 355 2.53 -9.94 0.75
N GLU A 356 1.24 -10.13 1.04
CA GLU A 356 0.22 -9.94 0.03
C GLU A 356 -0.10 -8.47 -0.18
N PHE A 357 0.13 -7.63 0.83
CA PHE A 357 -0.07 -6.20 0.68
C PHE A 357 0.99 -5.60 -0.23
N ASN A 358 2.25 -6.03 -0.07
CA ASN A 358 3.30 -5.67 -1.01
C ASN A 358 2.93 -6.12 -2.43
N HIS A 359 2.15 -7.19 -2.54
CA HIS A 359 1.83 -7.76 -3.84
C HIS A 359 0.82 -6.91 -4.59
N LEU A 360 -0.33 -6.64 -3.95
CA LEU A 360 -1.40 -5.93 -4.63
C LEU A 360 -1.09 -4.45 -4.86
N TYR A 361 0.02 -3.99 -4.30
CA TYR A 361 0.43 -2.57 -4.39
C TYR A 361 1.37 -2.34 -5.56
N HIS A 362 1.50 -3.30 -6.47
CA HIS A 362 2.32 -3.08 -7.65
C HIS A 362 1.46 -2.39 -8.71
N TRP A 363 1.30 -1.07 -8.54
CA TRP A 363 0.50 -0.24 -9.44
C TRP A 363 1.36 0.46 -10.48
N HIS A 364 2.42 -0.19 -10.94
CA HIS A 364 3.32 0.32 -11.97
C HIS A 364 2.62 0.74 -13.26
N PRO A 365 1.45 0.17 -13.60
CA PRO A 365 0.63 0.77 -14.66
C PRO A 365 0.28 2.24 -14.42
N LEU A 366 0.48 2.78 -13.22
CA LEU A 366 0.32 4.21 -13.00
C LEU A 366 1.27 5.02 -13.88
N MET A 367 2.49 4.52 -14.06
CA MET A 367 3.51 5.31 -14.72
C MET A 367 3.17 5.51 -16.19
N PRO A 368 3.44 6.70 -16.74
CA PRO A 368 3.02 7.00 -18.12
C PRO A 368 4.04 6.57 -19.16
N ASP A 369 3.75 6.88 -20.43
CA ASP A 369 4.72 6.64 -21.49
C ASP A 369 5.94 7.55 -21.35
N SER A 370 5.70 8.84 -21.12
CA SER A 370 6.76 9.81 -20.95
C SER A 370 6.35 10.82 -19.88
N PHE A 371 7.31 11.65 -19.47
CA PHE A 371 7.11 12.62 -18.41
C PHE A 371 7.15 14.02 -19.01
N LYS A 372 6.00 14.69 -19.02
CA LYS A 372 5.89 16.03 -19.56
C LYS A 372 5.96 17.02 -18.39
N VAL A 373 7.07 17.74 -18.31
CA VAL A 373 7.26 18.75 -17.28
C VAL A 373 7.09 20.11 -17.97
N GLY A 374 5.86 20.61 -17.97
CA GLY A 374 5.55 21.89 -18.57
C GLY A 374 5.78 21.96 -20.06
N SER A 375 6.79 22.75 -20.47
CA SER A 375 7.02 23.00 -21.89
C SER A 375 7.40 21.72 -22.63
N GLN A 376 8.54 21.13 -22.28
CA GLN A 376 9.07 20.00 -23.02
C GLN A 376 8.53 18.69 -22.45
N GLU A 377 9.08 17.57 -22.92
CA GLU A 377 8.59 16.24 -22.55
C GLU A 377 9.80 15.32 -22.39
N TYR A 378 10.15 15.00 -21.15
CA TYR A 378 11.31 14.16 -20.88
C TYR A 378 10.96 12.69 -21.06
N SER A 379 11.90 11.94 -21.64
CA SER A 379 11.73 10.50 -21.80
C SER A 379 12.11 9.78 -20.50
N TYR A 380 11.99 8.46 -20.51
CA TYR A 380 12.30 7.67 -19.32
C TYR A 380 13.78 7.76 -18.98
N GLU A 381 14.65 7.65 -19.99
CA GLU A 381 16.08 7.72 -19.76
C GLU A 381 16.54 9.12 -19.38
N GLN A 382 15.75 10.14 -19.72
CA GLN A 382 16.04 11.51 -19.27
C GLN A 382 15.50 11.80 -17.89
N PHE A 383 14.36 11.18 -17.52
CA PHE A 383 13.77 11.42 -16.21
C PHE A 383 14.50 10.65 -15.12
N LEU A 384 14.79 9.37 -15.37
CA LEU A 384 15.42 8.54 -14.35
C LEU A 384 16.81 9.03 -14.02
N PHE A 385 17.17 8.97 -12.73
CA PHE A 385 18.49 9.31 -12.22
C PHE A 385 18.89 10.74 -12.53
N ASN A 386 17.93 11.63 -12.77
CA ASN A 386 18.25 13.03 -13.05
C ASN A 386 18.55 13.75 -11.74
N THR A 387 19.79 14.20 -11.59
CA THR A 387 20.25 14.78 -10.34
C THR A 387 20.06 16.29 -10.26
N SER A 388 19.52 16.91 -11.33
CA SER A 388 19.34 18.35 -11.35
C SER A 388 17.92 18.80 -11.67
N MET A 389 17.05 17.92 -12.18
CA MET A 389 15.71 18.36 -12.59
C MET A 389 14.93 18.93 -11.42
N LEU A 390 15.12 18.40 -10.21
CA LEU A 390 14.44 18.96 -9.05
C LEU A 390 14.93 20.37 -8.76
N VAL A 391 16.25 20.60 -8.84
CA VAL A 391 16.77 21.93 -8.61
C VAL A 391 16.60 22.81 -9.84
N ASP A 392 16.59 22.21 -11.04
CA ASP A 392 16.42 23.00 -12.26
C ASP A 392 15.03 23.63 -12.32
N TYR A 393 14.01 22.97 -11.77
CA TYR A 393 12.64 23.45 -11.85
C TYR A 393 12.09 23.97 -10.53
N GLY A 394 12.62 23.52 -9.39
CA GLY A 394 12.06 23.87 -8.11
C GLY A 394 10.85 23.03 -7.78
N VAL A 395 10.45 23.08 -6.51
CA VAL A 395 9.33 22.26 -6.05
C VAL A 395 8.03 22.71 -6.68
N GLU A 396 7.87 24.03 -6.89
CA GLU A 396 6.62 24.56 -7.43
C GLU A 396 6.35 24.01 -8.83
N ALA A 397 7.36 24.02 -9.70
CA ALA A 397 7.16 23.63 -11.08
C ALA A 397 6.86 22.14 -11.21
N LEU A 398 7.60 21.30 -10.50
CA LEU A 398 7.41 19.86 -10.62
C LEU A 398 6.08 19.42 -10.01
N VAL A 399 5.66 20.07 -8.92
CA VAL A 399 4.38 19.72 -8.30
C VAL A 399 3.23 20.05 -9.26
N ASP A 400 3.28 21.21 -9.91
CA ASP A 400 2.24 21.57 -10.87
C ASP A 400 2.29 20.68 -12.09
N ALA A 401 3.49 20.29 -12.53
CA ALA A 401 3.62 19.47 -13.72
C ALA A 401 3.04 18.07 -13.51
N PHE A 402 3.31 17.46 -12.36
CA PHE A 402 2.80 16.13 -12.08
C PHE A 402 1.31 16.11 -11.81
N SER A 403 0.73 17.23 -11.39
CA SER A 403 -0.70 17.32 -11.12
C SER A 403 -1.53 17.61 -12.37
N ARG A 404 -0.90 17.64 -13.54
CA ARG A 404 -1.61 17.92 -14.79
C ARG A 404 -1.53 16.78 -15.79
N GLN A 405 -0.93 15.64 -15.44
CA GLN A 405 -0.75 14.53 -16.36
C GLN A 405 -1.45 13.30 -15.81
N ILE A 406 -2.31 12.70 -16.62
CA ILE A 406 -3.09 11.54 -16.19
C ILE A 406 -2.18 10.33 -16.04
N ALA A 407 -2.52 9.47 -15.08
CA ALA A 407 -1.84 8.21 -14.88
C ALA A 407 -2.63 7.06 -15.52
N GLY A 408 -2.01 5.89 -15.57
CA GLY A 408 -2.59 4.76 -16.26
C GLY A 408 -3.53 3.94 -15.40
N ARG A 409 -4.50 3.32 -16.07
CA ARG A 409 -5.42 2.41 -15.40
C ARG A 409 -4.66 1.20 -14.88
N ILE A 410 -5.11 0.67 -13.75
CA ILE A 410 -4.40 -0.43 -13.09
C ILE A 410 -4.96 -1.77 -13.53
N GLY A 411 -6.25 -1.97 -13.36
CA GLY A 411 -6.89 -3.22 -13.69
C GLY A 411 -7.01 -3.42 -15.19
N GLY A 412 -7.55 -4.58 -15.56
CA GLY A 412 -7.74 -4.95 -16.95
C GLY A 412 -6.48 -5.41 -17.67
N GLY A 413 -5.30 -5.08 -17.15
CA GLY A 413 -4.06 -5.51 -17.77
C GLY A 413 -3.70 -4.68 -18.99
N ARG A 414 -2.57 -5.04 -19.59
CA ARG A 414 -2.08 -4.42 -20.82
C ARG A 414 -1.88 -2.92 -20.67
N ASN A 415 -1.47 -2.46 -19.47
CA ASN A 415 -1.25 -1.04 -19.27
C ASN A 415 0.03 -0.77 -18.47
N MET A 416 0.98 -1.68 -18.46
CA MET A 416 2.25 -1.50 -17.77
C MET A 416 3.32 -1.11 -18.78
N ASP A 417 3.94 0.05 -18.58
CA ASP A 417 4.96 0.52 -19.50
C ASP A 417 6.12 -0.47 -19.56
N HIS A 418 6.71 -0.60 -20.75
CA HIS A 418 7.70 -1.64 -20.98
C HIS A 418 9.07 -1.33 -20.36
N HIS A 419 9.31 -0.09 -19.94
CA HIS A 419 10.57 0.19 -19.24
C HIS A 419 10.56 -0.39 -17.83
N ILE A 420 9.40 -0.63 -17.25
CA ILE A 420 9.29 -1.19 -15.91
C ILE A 420 8.49 -2.50 -15.91
N LEU A 421 8.42 -3.17 -17.06
CA LEU A 421 7.75 -4.47 -17.11
C LEU A 421 8.53 -5.54 -16.36
N HIS A 422 9.84 -5.36 -16.20
CA HIS A 422 10.64 -6.34 -15.46
C HIS A 422 10.26 -6.43 -13.99
N VAL A 423 9.60 -5.39 -13.46
CA VAL A 423 9.15 -5.45 -12.07
C VAL A 423 8.03 -6.47 -11.92
N ALA A 424 7.14 -6.54 -12.90
CA ALA A 424 6.06 -7.52 -12.84
C ALA A 424 6.58 -8.95 -12.96
N VAL A 425 7.68 -9.14 -13.68
CA VAL A 425 8.26 -10.49 -13.81
C VAL A 425 8.89 -10.92 -12.49
N ASP A 426 9.51 -9.98 -11.77
CA ASP A 426 10.02 -10.29 -10.44
C ASP A 426 8.88 -10.55 -9.46
N VAL A 427 7.72 -9.93 -9.68
CA VAL A 427 6.58 -10.15 -8.80
C VAL A 427 6.00 -11.54 -9.01
N ILE A 428 5.85 -11.97 -10.26
CA ILE A 428 5.37 -13.32 -10.53
C ILE A 428 6.36 -14.35 -10.01
N ARG A 429 7.66 -14.07 -10.12
CA ARG A 429 8.66 -15.00 -9.61
C ARG A 429 8.67 -15.02 -8.10
N GLU A 430 8.61 -13.84 -7.46
CA GLU A 430 8.56 -13.80 -6.00
C GLU A 430 7.30 -14.46 -5.47
N SER A 431 6.15 -14.22 -6.13
CA SER A 431 4.91 -14.86 -5.73
C SER A 431 5.02 -16.38 -5.76
N ARG A 432 5.84 -16.91 -6.66
CA ARG A 432 6.01 -18.36 -6.75
C ARG A 432 7.02 -18.88 -5.74
N GLU A 433 8.04 -18.08 -5.41
CA GLU A 433 9.00 -18.50 -4.40
C GLU A 433 8.42 -18.37 -2.99
N MET A 434 7.46 -17.46 -2.79
CA MET A 434 6.72 -17.42 -1.54
C MET A 434 5.61 -18.45 -1.50
N ARG A 435 5.26 -19.02 -2.64
CA ARG A 435 4.25 -20.08 -2.75
C ARG A 435 2.89 -19.60 -2.24
N LEU A 436 2.37 -18.57 -2.89
CA LEU A 436 1.07 -18.01 -2.53
C LEU A 436 -0.05 -18.86 -3.08
N GLN A 437 -1.16 -18.91 -2.33
CA GLN A 437 -2.32 -19.69 -2.74
C GLN A 437 -2.97 -19.06 -3.98
N PRO A 438 -3.81 -19.82 -4.68
CA PRO A 438 -4.44 -19.29 -5.90
C PRO A 438 -5.26 -18.03 -5.64
N PHE A 439 -5.54 -17.32 -6.74
CA PHE A 439 -6.33 -16.09 -6.66
C PHE A 439 -7.73 -16.36 -6.13
N ASN A 440 -8.32 -17.48 -6.53
CA ASN A 440 -9.67 -17.82 -6.06
C ASN A 440 -9.67 -18.10 -4.57
N GLU A 441 -8.61 -18.71 -4.05
CA GLU A 441 -8.56 -19.03 -2.62
C GLU A 441 -8.40 -17.78 -1.77
N TYR A 442 -7.82 -16.73 -2.32
CA TYR A 442 -7.73 -15.46 -1.59
C TYR A 442 -9.06 -14.71 -1.61
N ARG A 443 -9.89 -14.91 -2.64
CA ARG A 443 -11.21 -14.31 -2.64
C ARG A 443 -12.09 -14.89 -1.54
N LYS A 444 -12.05 -16.21 -1.35
CA LYS A 444 -12.81 -16.83 -0.28
C LYS A 444 -12.36 -16.35 1.09
N ARG A 445 -11.11 -15.93 1.20
CA ARG A 445 -10.61 -15.40 2.47
C ARG A 445 -11.12 -13.98 2.71
N PHE A 446 -11.36 -13.21 1.65
CA PHE A 446 -11.80 -11.83 1.76
C PHE A 446 -13.27 -11.67 1.39
N GLY A 447 -14.09 -12.67 1.73
CA GLY A 447 -15.54 -12.57 1.60
C GLY A 447 -16.05 -12.43 0.19
N MET A 448 -15.56 -13.28 -0.72
CA MET A 448 -16.00 -13.26 -2.11
C MET A 448 -16.09 -14.68 -2.62
N LYS A 449 -17.06 -14.91 -3.51
CA LYS A 449 -17.19 -16.21 -4.14
C LYS A 449 -16.07 -16.40 -5.16
N PRO A 450 -15.52 -17.60 -5.30
CA PRO A 450 -14.48 -17.83 -6.30
C PRO A 450 -15.03 -17.73 -7.71
N TYR A 451 -14.16 -17.34 -8.64
CA TYR A 451 -14.56 -17.20 -10.04
C TYR A 451 -14.81 -18.57 -10.64
N THR A 452 -16.01 -18.75 -11.22
CA THR A 452 -16.37 -20.04 -11.79
C THR A 452 -15.65 -20.28 -13.12
N SER A 453 -15.54 -19.24 -13.94
CA SER A 453 -14.92 -19.34 -15.25
C SER A 453 -13.83 -18.29 -15.40
N PHE A 454 -13.07 -18.38 -16.49
CA PHE A 454 -12.06 -17.37 -16.79
C PHE A 454 -12.68 -16.13 -17.41
N GLN A 455 -13.75 -16.29 -18.18
CA GLN A 455 -14.42 -15.12 -18.74
C GLN A 455 -15.03 -14.23 -17.67
N GLU A 456 -15.52 -14.83 -16.58
CA GLU A 456 -16.03 -14.04 -15.46
C GLU A 456 -14.95 -13.17 -14.83
N LEU A 457 -13.67 -13.53 -15.03
CA LEU A 457 -12.58 -12.74 -14.47
C LEU A 457 -12.22 -11.56 -15.36
N VAL A 458 -11.87 -11.82 -16.62
CA VAL A 458 -11.33 -10.79 -17.48
C VAL A 458 -12.43 -9.96 -18.17
N GLY A 459 -13.59 -10.56 -18.46
CA GLY A 459 -14.72 -9.87 -19.03
C GLY A 459 -14.95 -10.15 -20.50
N GLU A 460 -13.89 -10.47 -21.24
CA GLU A 460 -14.00 -10.74 -22.67
C GLU A 460 -13.51 -12.14 -22.97
N LYS A 461 -13.84 -12.61 -24.18
CA LYS A 461 -13.66 -14.03 -24.52
C LYS A 461 -12.22 -14.36 -24.92
N GLU A 462 -11.53 -13.45 -25.60
CA GLU A 462 -10.22 -13.80 -26.16
C GLU A 462 -9.17 -13.95 -25.07
N MET A 463 -9.08 -12.97 -24.16
CA MET A 463 -8.06 -13.05 -23.11
C MET A 463 -8.29 -14.22 -22.17
N ALA A 464 -9.55 -14.57 -21.91
CA ALA A 464 -9.84 -15.72 -21.05
C ALA A 464 -9.46 -17.03 -21.73
N ALA A 465 -9.52 -17.08 -23.06
CA ALA A 465 -9.18 -18.32 -23.76
C ALA A 465 -7.69 -18.63 -23.62
N GLU A 466 -6.83 -17.63 -23.76
CA GLU A 466 -5.40 -17.88 -23.63
C GLU A 466 -5.01 -18.10 -22.17
N LEU A 467 -5.62 -17.36 -21.25
CA LEU A 467 -5.33 -17.54 -19.83
C LEU A 467 -5.76 -18.91 -19.32
N GLU A 468 -6.70 -19.57 -20.01
CA GLU A 468 -7.13 -20.90 -19.59
C GLU A 468 -6.13 -21.97 -20.01
N GLU A 469 -5.71 -21.94 -21.28
CA GLU A 469 -4.76 -22.94 -21.76
C GLU A 469 -3.41 -22.82 -21.06
N LEU A 470 -3.06 -21.62 -20.59
CA LEU A 470 -1.82 -21.45 -19.86
C LEU A 470 -1.88 -22.08 -18.48
N TYR A 471 -2.94 -21.77 -17.72
CA TYR A 471 -3.05 -22.24 -16.34
C TYR A 471 -3.72 -23.61 -16.25
N GLY A 472 -4.84 -23.79 -16.95
CA GLY A 472 -5.57 -25.04 -16.96
C GLY A 472 -6.81 -25.05 -16.09
N ASP A 473 -6.83 -24.24 -15.03
CA ASP A 473 -7.98 -24.17 -14.15
C ASP A 473 -8.06 -22.79 -13.52
N ILE A 474 -9.30 -22.33 -13.31
CA ILE A 474 -9.50 -21.03 -12.68
C ILE A 474 -9.17 -21.08 -11.19
N ASP A 475 -9.25 -22.26 -10.58
CA ASP A 475 -8.84 -22.43 -9.19
C ASP A 475 -7.33 -22.58 -9.03
N ALA A 476 -6.57 -22.40 -10.11
CA ALA A 476 -5.12 -22.44 -10.06
C ALA A 476 -4.48 -21.13 -10.52
N LEU A 477 -5.28 -20.11 -10.82
CA LEU A 477 -4.75 -18.83 -11.25
C LEU A 477 -3.98 -18.17 -10.12
N GLU A 478 -2.80 -17.63 -10.43
CA GLU A 478 -1.95 -17.01 -9.42
C GLU A 478 -2.57 -15.70 -8.94
N PHE A 479 -1.92 -15.11 -7.94
CA PHE A 479 -2.47 -13.94 -7.27
C PHE A 479 -2.27 -12.66 -8.08
N TYR A 480 -1.08 -12.47 -8.64
CA TYR A 480 -0.82 -11.26 -9.42
C TYR A 480 -1.66 -11.18 -10.69
N PRO A 481 -1.70 -12.19 -11.58
CA PRO A 481 -2.51 -12.02 -12.79
C PRO A 481 -3.99 -11.80 -12.50
N GLY A 482 -4.55 -12.54 -11.55
CA GLY A 482 -5.95 -12.35 -11.22
C GLY A 482 -6.27 -10.92 -10.77
N LEU A 483 -5.32 -10.26 -10.13
CA LEU A 483 -5.55 -8.90 -9.66
C LEU A 483 -5.45 -7.89 -10.79
N LEU A 484 -4.41 -8.00 -11.62
CA LEU A 484 -4.17 -7.02 -12.67
C LEU A 484 -4.87 -7.34 -13.98
N LEU A 485 -5.36 -8.57 -14.16
CA LEU A 485 -6.12 -8.93 -15.35
C LEU A 485 -7.62 -9.02 -15.07
N GLU A 486 -8.05 -8.72 -13.85
CA GLU A 486 -9.47 -8.72 -13.53
C GLU A 486 -10.18 -7.61 -14.30
N LYS A 487 -11.44 -7.85 -14.64
CA LYS A 487 -12.22 -6.84 -15.35
C LYS A 487 -12.47 -5.64 -14.44
N CYS A 488 -12.24 -4.45 -14.99
CA CYS A 488 -12.43 -3.23 -14.21
C CYS A 488 -13.91 -2.94 -14.02
N HIS A 489 -14.23 -2.30 -12.90
CA HIS A 489 -15.55 -1.73 -12.71
C HIS A 489 -15.77 -0.63 -13.76
N PRO A 490 -17.02 -0.32 -14.08
CA PRO A 490 -17.27 0.76 -15.06
C PRO A 490 -16.71 2.09 -14.58
N ASN A 491 -15.80 2.66 -15.38
CA ASN A 491 -15.19 3.95 -15.12
C ASN A 491 -14.40 3.97 -13.82
N SER A 492 -13.81 2.85 -13.44
CA SER A 492 -13.02 2.75 -12.22
C SER A 492 -11.56 2.49 -12.57
N ILE A 493 -10.71 2.56 -11.53
CA ILE A 493 -9.27 2.46 -11.73
C ILE A 493 -8.81 1.00 -11.76
N PHE A 494 -9.43 0.13 -10.97
CA PHE A 494 -9.11 -1.29 -11.01
C PHE A 494 -10.37 -2.10 -10.73
N GLY A 495 -10.23 -3.42 -10.75
CA GLY A 495 -11.35 -4.32 -10.62
C GLY A 495 -11.85 -4.45 -9.19
N GLU A 496 -12.74 -5.43 -9.00
CA GLU A 496 -13.37 -5.61 -7.70
C GLU A 496 -12.38 -6.12 -6.65
N SER A 497 -11.60 -7.15 -7.00
CA SER A 497 -10.74 -7.79 -6.02
C SER A 497 -9.64 -6.86 -5.51
N MET A 498 -9.30 -5.82 -6.26
CA MET A 498 -8.30 -4.88 -5.79
C MET A 498 -8.84 -4.01 -4.66
N ILE A 499 -10.14 -3.68 -4.71
CA ILE A 499 -10.73 -2.84 -3.67
C ILE A 499 -11.04 -3.66 -2.44
N GLU A 500 -11.56 -4.88 -2.62
CA GLU A 500 -11.99 -5.68 -1.48
C GLU A 500 -10.83 -6.28 -0.69
N ILE A 501 -9.62 -6.31 -1.26
CA ILE A 501 -8.47 -6.88 -0.55
C ILE A 501 -7.55 -5.76 -0.09
N GLY A 502 -7.48 -4.70 -0.88
CA GLY A 502 -6.60 -3.59 -0.55
C GLY A 502 -7.11 -2.75 0.60
N ALA A 503 -8.44 -2.58 0.70
CA ALA A 503 -9.01 -1.78 1.79
C ALA A 503 -8.77 -2.39 3.17
N PRO A 504 -8.89 -3.70 3.39
CA PRO A 504 -8.57 -4.22 4.73
C PRO A 504 -7.13 -3.94 5.17
N PHE A 505 -6.17 -4.01 4.25
CA PHE A 505 -4.77 -3.79 4.64
C PHE A 505 -4.50 -2.32 4.93
N SER A 506 -5.15 -1.41 4.19
CA SER A 506 -4.85 0.01 4.32
C SER A 506 -5.37 0.57 5.64
N LEU A 507 -6.67 0.39 5.90
CA LEU A 507 -7.25 0.94 7.13
C LEU A 507 -6.66 0.29 8.37
N LYS A 508 -6.31 -1.00 8.30
CA LYS A 508 -5.63 -1.64 9.41
C LYS A 508 -4.22 -1.10 9.59
N GLY A 509 -3.58 -0.66 8.51
CA GLY A 509 -2.23 -0.13 8.57
C GLY A 509 -2.18 1.35 8.90
N LEU A 510 -3.29 2.05 8.69
CA LEU A 510 -3.37 3.49 8.99
C LEU A 510 -3.89 3.74 10.40
N LEU A 511 -5.08 3.21 10.71
CA LEU A 511 -5.63 3.35 12.06
C LEU A 511 -4.92 2.45 13.06
N GLY A 512 -4.17 1.44 12.58
CA GLY A 512 -3.45 0.55 13.47
C GLY A 512 -2.12 1.10 13.93
N ASN A 513 -1.99 2.43 13.93
CA ASN A 513 -0.83 3.16 14.41
C ASN A 513 -1.03 3.57 15.87
N PRO A 514 0.02 3.53 16.69
CA PRO A 514 -0.14 3.90 18.11
C PRO A 514 -0.62 5.33 18.31
N ILE A 515 -0.39 6.23 17.36
CA ILE A 515 -0.87 7.60 17.54
C ILE A 515 -2.39 7.68 17.43
N CYS A 516 -3.01 6.68 16.79
CA CYS A 516 -4.47 6.60 16.74
C CYS A 516 -5.06 5.98 18.00
N SER A 517 -4.22 5.52 18.92
CA SER A 517 -4.69 4.95 20.17
C SER A 517 -5.19 6.05 21.10
N PRO A 518 -6.08 5.72 22.04
CA PRO A 518 -6.50 6.73 23.03
C PRO A 518 -5.35 7.24 23.88
N GLU A 519 -4.30 6.43 24.07
CA GLU A 519 -3.19 6.85 24.91
C GLU A 519 -2.36 7.93 24.24
N TYR A 520 -2.25 7.91 22.91
CA TYR A 520 -1.45 8.89 22.18
C TYR A 520 -2.26 10.03 21.60
N TRP A 521 -3.54 9.82 21.30
CA TRP A 521 -4.34 10.83 20.60
C TRP A 521 -4.79 11.93 21.56
N LYS A 522 -3.79 12.62 22.11
CA LYS A 522 -3.98 13.78 22.97
C LYS A 522 -3.26 14.98 22.37
N PRO A 523 -3.69 16.20 22.70
CA PRO A 523 -2.95 17.38 22.23
C PRO A 523 -1.55 17.48 22.83
N SER A 524 -1.33 16.96 24.02
CA SER A 524 -0.01 17.01 24.63
C SER A 524 1.01 16.18 23.85
N THR A 525 0.54 15.13 23.16
CA THR A 525 1.43 14.32 22.35
C THR A 525 2.12 15.15 21.28
N PHE A 526 1.38 16.08 20.66
CA PHE A 526 1.89 16.89 19.55
C PHE A 526 2.30 18.29 20.00
N GLY A 527 2.59 18.47 21.29
CA GLY A 527 3.09 19.73 21.79
C GLY A 527 2.04 20.83 21.85
N GLY A 528 0.90 20.55 22.47
CA GLY A 528 -0.15 21.54 22.62
C GLY A 528 -1.16 21.50 21.49
N GLU A 529 -2.18 22.35 21.64
CA GLU A 529 -3.22 22.43 20.62
C GLU A 529 -2.74 23.05 19.32
N VAL A 530 -1.62 23.78 19.35
CA VAL A 530 -1.08 24.34 18.11
C VAL A 530 -0.61 23.22 17.18
N GLY A 531 0.00 22.19 17.74
CA GLY A 531 0.50 21.07 16.95
C GLY A 531 -0.56 20.01 16.68
N PHE A 532 -1.52 19.86 17.60
CA PHE A 532 -2.60 18.92 17.38
C PHE A 532 -3.52 19.36 16.25
N ASN A 533 -3.59 20.65 15.96
CA ASN A 533 -4.37 21.16 14.84
C ASN A 533 -3.58 21.23 13.55
N ILE A 534 -2.29 20.89 13.59
CA ILE A 534 -1.54 20.69 12.35
C ILE A 534 -1.85 19.31 11.77
N VAL A 535 -2.01 18.31 12.65
CA VAL A 535 -2.41 16.99 12.21
C VAL A 535 -3.78 17.05 11.54
N LYS A 536 -4.76 17.64 12.22
CA LYS A 536 -6.04 17.93 11.60
C LYS A 536 -5.88 19.06 10.59
N THR A 537 -6.86 19.17 9.69
CA THR A 537 -6.89 20.19 8.64
C THR A 537 -5.67 20.14 7.73
N ALA A 538 -4.92 19.04 7.74
CA ALA A 538 -3.74 18.90 6.91
C ALA A 538 -4.15 18.37 5.54
N THR A 539 -3.90 19.16 4.49
CA THR A 539 -4.24 18.79 3.13
C THR A 539 -2.98 18.67 2.29
N LEU A 540 -3.14 18.13 1.08
CA LEU A 540 -2.01 18.05 0.16
C LEU A 540 -1.59 19.43 -0.31
N LYS A 541 -2.55 20.34 -0.50
CA LYS A 541 -2.21 21.71 -0.86
C LYS A 541 -1.44 22.40 0.26
N LYS A 542 -1.85 22.19 1.51
CA LYS A 542 -1.15 22.76 2.65
C LYS A 542 0.22 22.12 2.88
N LEU A 543 0.54 21.03 2.17
CA LEU A 543 1.88 20.48 2.21
C LEU A 543 2.79 21.12 1.16
N VAL A 544 2.24 21.46 0.00
CA VAL A 544 3.00 22.08 -1.07
C VAL A 544 3.03 23.58 -0.90
N CYS A 545 1.85 24.20 -0.84
CA CYS A 545 1.76 25.66 -0.91
C CYS A 545 2.21 26.34 0.38
N LEU A 546 2.23 25.63 1.51
CA LEU A 546 2.76 26.19 2.73
C LEU A 546 4.28 26.09 2.83
N ASN A 547 4.93 25.42 1.87
CA ASN A 547 6.37 25.26 1.87
C ASN A 547 7.00 25.73 0.57
N THR A 548 6.25 26.49 -0.24
CA THR A 548 6.74 27.00 -1.51
C THR A 548 6.49 28.50 -1.59
N LYS A 549 7.22 29.15 -2.50
CA LYS A 549 7.06 30.60 -2.66
C LYS A 549 5.75 30.92 -3.35
N THR A 550 5.38 30.16 -4.37
CA THR A 550 4.10 30.29 -5.05
C THR A 550 3.25 29.06 -4.81
N CYS A 551 1.94 29.21 -5.00
CA CYS A 551 1.00 28.11 -4.82
C CYS A 551 0.54 27.61 -6.18
N PRO A 552 1.12 26.53 -6.72
CA PRO A 552 0.67 26.03 -8.01
C PRO A 552 -0.53 25.11 -7.88
N TYR A 553 -1.02 24.59 -9.01
CA TYR A 553 -2.09 23.61 -8.97
C TYR A 553 -1.55 22.30 -8.39
N VAL A 554 -2.21 21.81 -7.33
CA VAL A 554 -1.79 20.57 -6.69
C VAL A 554 -3.01 19.81 -6.18
N SER A 555 -3.21 18.61 -6.71
CA SER A 555 -4.26 17.70 -6.27
C SER A 555 -3.96 16.32 -6.86
N PHE A 556 -4.91 15.40 -6.73
CA PHE A 556 -4.78 14.07 -7.30
C PHE A 556 -5.58 13.91 -8.59
N ARG A 557 -6.31 14.93 -9.02
CA ARG A 557 -7.07 14.90 -10.26
C ARG A 557 -6.61 16.03 -11.19
N VAL A 558 -6.90 15.85 -12.47
CA VAL A 558 -6.52 16.79 -13.52
C VAL A 558 -7.69 17.75 -13.74
N PRO A 559 -7.44 19.02 -14.07
CA PRO A 559 -8.56 19.95 -14.31
C PRO A 559 -9.53 19.44 -15.37
N ASP A 560 -10.78 19.84 -15.23
CA ASP A 560 -11.85 19.39 -16.11
C ASP A 560 -12.47 20.56 -16.86
C1 NAG B . 15.00 -12.99 12.54
C2 NAG B . 16.28 -12.98 13.39
C3 NAG B . 17.52 -12.98 12.49
C4 NAG B . 17.45 -14.12 11.48
C5 NAG B . 16.15 -14.04 10.70
C6 NAG B . 15.94 -15.17 9.73
C7 NAG B . 16.15 -11.95 15.61
N2 NAG B . 16.31 -11.85 14.29
O3 NAG B . 18.69 -13.09 13.29
O4 NAG B . 18.58 -14.08 10.61
O5 NAG B . 15.04 -14.06 11.60
O6 NAG B . 16.12 -16.43 10.36
O7 NAG B . 15.98 -13.04 16.16
C1 NAG B . 19.22 -15.39 10.65
C2 NAG B . 20.09 -15.54 9.41
C3 NAG B . 20.73 -16.93 9.41
C4 NAG B . 21.45 -17.20 10.73
C5 NAG B . 20.57 -16.88 11.93
C6 NAG B . 21.31 -16.94 13.24
C7 NAG B . 19.43 -14.23 7.44
C8 NAG B . 20.41 -13.20 7.91
N2 NAG B . 19.32 -15.33 8.20
O3 NAG B . 21.65 -17.02 8.32
O4 NAG B . 21.78 -18.59 10.79
O5 NAG B . 20.02 -15.57 11.83
O6 NAG B . 21.72 -18.27 13.55
O7 NAG B . 18.76 -14.08 6.43
C1 BMA B . 23.19 -18.82 10.63
C2 BMA B . 23.41 -20.26 11.17
C3 BMA B . 24.67 -20.98 10.61
C4 BMA B . 25.15 -20.46 9.24
C5 BMA B . 24.96 -18.95 9.08
C6 BMA B . 25.32 -18.43 7.70
O2 BMA B . 22.30 -21.08 10.85
O3 BMA B . 24.36 -22.37 10.48
O4 BMA B . 26.53 -20.78 9.05
O5 BMA B . 23.58 -18.67 9.30
O6 BMA B . 24.23 -18.68 6.81
C1 BMA B . 25.19 -23.29 11.23
C2 BMA B . 25.57 -22.74 12.64
C3 BMA B . 26.30 -23.83 13.43
C4 BMA B . 25.47 -25.12 13.46
C5 BMA B . 25.20 -25.57 12.02
C6 BMA B . 24.33 -26.83 11.95
O2 BMA B . 24.42 -22.42 13.40
O3 BMA B . 26.61 -23.41 14.75
O4 BMA B . 26.17 -26.13 14.16
O5 BMA B . 24.49 -24.53 11.34
O6 BMA B . 23.90 -26.99 10.61
C1 BMA B . 24.67 -19.58 5.77
C2 BMA B . 23.44 -20.01 4.92
C3 BMA B . 23.90 -20.89 3.76
C4 BMA B . 25.06 -20.24 2.98
C5 BMA B . 26.20 -19.85 3.94
C6 BMA B . 27.34 -19.14 3.25
O2 BMA B . 22.82 -18.87 4.34
O3 BMA B . 22.83 -21.21 2.88
O4 BMA B . 25.56 -21.15 2.00
O5 BMA B . 25.66 -18.97 4.94
O6 BMA B . 28.32 -18.80 4.23
C1 NAG C . -14.48 -31.28 3.17
C2 NAG C . -15.58 -32.12 2.52
C3 NAG C . -14.98 -33.13 1.53
C4 NAG C . -14.07 -32.43 0.54
C5 NAG C . -12.99 -31.66 1.30
C6 NAG C . -12.06 -30.88 0.40
C7 NAG C . -17.70 -32.63 3.66
C8 NAG C . -18.35 -33.42 4.75
N2 NAG C . -16.38 -32.80 3.52
O3 NAG C . -16.05 -33.78 0.84
O4 NAG C . -13.47 -33.32 -0.39
O5 NAG C . -13.63 -30.71 2.16
O6 NAG C . -12.78 -30.05 -0.50
O7 NAG C . -18.33 -31.88 2.92
C1 NAG C . -13.16 -34.62 0.14
C2 NAG C . -13.62 -35.65 -0.90
C3 NAG C . -13.26 -37.06 -0.45
C4 NAG C . -11.78 -37.16 -0.10
C5 NAG C . -11.42 -36.08 0.91
C6 NAG C . -9.95 -36.05 1.24
C7 NAG C . -15.57 -35.22 -2.32
C8 NAG C . -17.07 -35.15 -2.38
N2 NAG C . -15.05 -35.54 -1.13
O3 NAG C . -13.57 -37.99 -1.49
O4 NAG C . -11.49 -38.44 0.45
O5 NAG C . -11.76 -34.79 0.39
O6 NAG C . -9.68 -36.74 2.46
O7 NAG C . -14.87 -34.99 -3.31
C1 NAG D . 18.24 16.08 -16.48
C2 NAG D . 18.70 15.74 -17.89
C3 NAG D . 19.24 17.00 -18.58
C4 NAG D . 18.23 18.14 -18.50
C5 NAG D . 17.76 18.34 -17.06
C6 NAG D . 16.65 19.35 -16.91
C7 NAG D . 19.57 13.55 -18.54
C8 NAG D . 20.70 12.57 -18.39
N2 NAG D . 19.70 14.70 -17.87
O3 NAG D . 19.54 16.71 -19.94
O4 NAG D . 18.83 19.33 -18.98
O5 NAG D . 17.26 17.10 -16.52
O6 NAG D . 15.91 19.13 -15.71
O7 NAG D . 18.58 13.30 -19.21
C1 NAG D . 17.98 20.01 -19.94
C2 NAG D . 18.62 21.35 -20.28
C3 NAG D . 17.76 22.09 -21.31
C4 NAG D . 17.48 21.19 -22.52
C5 NAG D . 16.90 19.87 -22.06
C6 NAG D . 16.70 18.88 -23.20
C7 NAG D . 19.79 22.01 -18.23
C8 NAG D . 19.81 22.93 -17.05
N2 NAG D . 18.79 22.18 -19.09
O3 NAG D . 18.45 23.27 -21.73
O4 NAG D . 16.57 21.84 -23.39
O5 NAG D . 17.79 19.24 -21.13
O6 NAG D . 15.33 18.52 -23.33
O7 NAG D . 20.64 21.12 -18.37
CAC FLC E . -18.00 -8.07 2.01
CA FLC E . -16.95 -6.99 2.24
CB FLC E . -17.52 -5.69 2.80
CBC FLC E . -17.93 -4.78 1.64
CG FLC E . -16.49 -4.96 3.65
CGC FLC E . -15.21 -5.76 3.91
OA1 FLC E . -19.00 -8.14 2.76
OA2 FLC E . -17.86 -8.88 1.06
OB1 FLC E . -17.65 -3.55 1.69
OB2 FLC E . -18.54 -5.25 0.65
OG1 FLC E . -15.16 -6.56 4.88
OG2 FLC E . -14.20 -5.61 3.17
OHB FLC E . -18.65 -5.98 3.58
CAC FLC F . -23.95 -6.70 -10.02
CA FLC F . -24.79 -5.56 -10.60
CB FLC F . -24.62 -4.26 -9.79
CBC FLC F . -25.95 -3.52 -9.75
CG FLC F . -23.55 -3.38 -10.43
CGC FLC F . -23.56 -3.33 -11.95
OA1 FLC F . -23.02 -6.45 -9.20
OA2 FLC F . -24.17 -7.89 -10.37
OB1 FLC F . -26.67 -3.57 -8.71
OB2 FLC F . -26.35 -2.86 -10.74
OG1 FLC F . -22.92 -4.17 -12.63
OG2 FLC F . -24.22 -2.42 -12.55
OHB FLC F . -24.24 -4.58 -8.48
CAC FLC G . -28.99 -11.04 -0.45
CA FLC G . -29.72 -10.28 -1.55
CB FLC G . -28.87 -9.16 -2.16
CBC FLC G . -29.02 -7.89 -1.34
CG FLC G . -29.37 -8.90 -3.59
CGC FLC G . -28.42 -8.01 -4.40
OA1 FLC G . -28.49 -10.42 0.52
OA2 FLC G . -28.90 -12.29 -0.50
OB1 FLC G . -28.32 -7.72 -0.30
OB2 FLC G . -29.86 -7.01 -1.68
OG1 FLC G . -27.17 -8.22 -4.35
OG2 FLC G . -28.89 -7.09 -5.11
OHB FLC G . -27.53 -9.56 -2.20
#